data_6TYV
#
_entry.id   6TYV
#
_cell.length_a   44.112
_cell.length_b   71.351
_cell.length_c   79.606
_cell.angle_alpha   90.000
_cell.angle_beta   90.000
_cell.angle_gamma   90.000
#
_symmetry.space_group_name_H-M   'P 21 21 21'
#
loop_
_entity.id
_entity.type
_entity.pdbx_description
1 polymer 'X-ray repair cross-complementing protein 5'
2 polymer THR-THR-ALA-GLN-GLN-ARG-LYS-CYS-PRO-GLU-TRP-MET-ASN
3 water water
#
loop_
_entity_poly.entity_id
_entity_poly.type
_entity_poly.pdbx_seq_one_letter_code
_entity_poly.pdbx_strand_id
1 'polypeptide(L)'
;MHHHHHHMARAAKSAVVLCMDVGLAMSHSNQGKESPFEQAKKVMMLFLQRQVFAESKDEIAVVLYGTDTTDNALAREDQY
ENISVHRHLMLPDFDLLEQIENVVEPGSVQADFLDALIVSMDLLQKETLGKKYTRLHIAVFSDLSSPFSVDQLEVIIANL
KKAEITLQFFLPFSVDEGSGPGKGLSDQQKEGIEMVRKIMFSLDGEEGLSEVFTFRDSLERLSIFKKIERR
;
A
2 'polypeptide(L)' TTAQQRKCPEWMNVQN B
#
# COMPACT_ATOMS: atom_id res chain seq x y z
N LYS A 13 -14.17 15.23 5.42
CA LYS A 13 -13.55 13.93 5.66
C LYS A 13 -12.69 13.52 4.47
N SER A 14 -11.65 12.73 4.71
CA SER A 14 -10.82 12.19 3.64
C SER A 14 -10.99 10.69 3.55
N ALA A 15 -10.58 10.12 2.41
CA ALA A 15 -10.63 8.68 2.17
C ALA A 15 -9.20 8.14 2.03
N VAL A 16 -8.87 7.08 2.78
CA VAL A 16 -7.51 6.56 2.86
C VAL A 16 -7.50 5.04 2.65
N VAL A 17 -6.61 4.56 1.78
CA VAL A 17 -6.30 3.13 1.67
C VAL A 17 -4.91 2.89 2.26
N LEU A 18 -4.82 1.94 3.20
CA LEU A 18 -3.53 1.43 3.69
C LEU A 18 -3.22 0.15 2.90
N CYS A 19 -2.18 0.20 2.08
CA CYS A 19 -1.83 -0.89 1.17
C CYS A 19 -0.52 -1.50 1.67
N MET A 20 -0.58 -2.72 2.19
N MET A 20 -0.60 -2.68 2.30
CA MET A 20 0.46 -3.28 3.04
CA MET A 20 0.50 -3.25 3.07
C MET A 20 1.02 -4.58 2.49
C MET A 20 1.02 -4.55 2.47
N ASP A 21 2.32 -4.62 2.29
CA ASP A 21 3.02 -5.84 1.87
C ASP A 21 3.13 -6.78 3.07
N VAL A 22 2.60 -8.01 2.94
CA VAL A 22 2.76 -9.06 3.95
C VAL A 22 3.48 -10.29 3.39
N GLY A 23 4.20 -10.14 2.29
CA GLY A 23 4.90 -11.27 1.71
C GLY A 23 6.02 -11.80 2.60
N LEU A 24 6.55 -12.94 2.18
CA LEU A 24 7.44 -13.73 3.03
C LEU A 24 8.69 -12.93 3.46
N ALA A 25 9.21 -12.07 2.58
CA ALA A 25 10.43 -11.33 2.89
C ALA A 25 10.23 -10.31 4.02
N MET A 26 9.02 -9.78 4.17
CA MET A 26 8.76 -8.84 5.25
C MET A 26 8.93 -9.48 6.61
N SER A 27 8.87 -10.81 6.70
CA SER A 27 9.02 -11.52 7.97
CA SER A 27 9.02 -11.50 7.99
C SER A 27 10.47 -11.74 8.38
N HIS A 28 11.45 -11.35 7.56
CA HIS A 28 12.86 -11.57 7.90
C HIS A 28 13.32 -10.53 8.90
N SER A 29 13.81 -10.99 10.06
N SER A 29 13.81 -10.98 10.07
CA SER A 29 14.16 -10.12 11.19
CA SER A 29 14.15 -10.12 11.21
C SER A 29 15.67 -9.92 11.24
C SER A 29 15.66 -9.88 11.30
N ASN A 30 16.15 -8.79 10.69
CA ASN A 30 17.55 -8.39 10.84
C ASN A 30 17.73 -6.90 11.08
N GLN A 31 16.70 -6.18 11.58
CA GLN A 31 16.85 -4.77 11.98
C GLN A 31 16.15 -4.58 13.33
N GLY A 32 16.81 -4.99 14.39
CA GLY A 32 16.22 -4.89 15.72
C GLY A 32 15.32 -6.07 16.02
N LYS A 33 14.52 -5.91 17.08
CA LYS A 33 13.70 -7.03 17.54
C LYS A 33 12.45 -7.24 16.71
N GLU A 34 12.01 -6.21 15.97
CA GLU A 34 10.81 -6.27 15.13
C GLU A 34 11.15 -6.37 13.65
N SER A 35 10.59 -7.38 12.98
CA SER A 35 10.69 -7.46 11.53
C SER A 35 9.93 -6.30 10.87
N PRO A 36 10.24 -6.01 9.59
CA PRO A 36 9.44 -5.02 8.85
C PRO A 36 7.93 -5.26 8.92
N PHE A 37 7.49 -6.53 8.83
CA PHE A 37 6.07 -6.85 9.00
C PHE A 37 5.54 -6.36 10.34
N GLU A 38 6.26 -6.66 11.42
CA GLU A 38 5.83 -6.26 12.75
C GLU A 38 5.80 -4.74 12.89
N GLN A 39 6.80 -4.05 12.33
CA GLN A 39 6.87 -2.60 12.44
C GLN A 39 5.72 -1.93 11.72
N ALA A 40 5.40 -2.42 10.52
CA ALA A 40 4.32 -1.82 9.73
C ALA A 40 2.97 -2.09 10.38
N LYS A 41 2.78 -3.31 10.89
CA LYS A 41 1.58 -3.62 11.65
C LYS A 41 1.43 -2.68 12.83
N LYS A 42 2.53 -2.36 13.50
CA LYS A 42 2.48 -1.47 14.66
C LYS A 42 2.08 -0.04 14.26
N VAL A 43 2.65 0.49 13.17
CA VAL A 43 2.28 1.83 12.73
C VAL A 43 0.82 1.87 12.33
N MET A 44 0.34 0.83 11.64
N MET A 44 0.34 0.81 11.68
CA MET A 44 -1.05 0.78 11.23
CA MET A 44 -1.05 0.79 11.24
C MET A 44 -1.97 0.84 12.44
C MET A 44 -2.00 0.79 12.42
N MET A 45 -1.65 0.08 13.49
CA MET A 45 -2.50 0.07 14.69
C MET A 45 -2.51 1.45 15.36
N LEU A 46 -1.33 2.07 15.52
CA LEU A 46 -1.28 3.39 16.16
C LEU A 46 -2.09 4.43 15.37
N PHE A 47 -1.93 4.45 14.05
CA PHE A 47 -2.72 5.34 13.21
C PHE A 47 -4.21 5.09 13.40
N LEU A 48 -4.62 3.82 13.32
CA LEU A 48 -6.05 3.52 13.43
C LEU A 48 -6.58 3.83 14.83
N GLN A 49 -5.75 3.66 15.87
CA GLN A 49 -6.17 4.03 17.23
C GLN A 49 -6.38 5.53 17.35
N ARG A 50 -5.43 6.33 16.86
CA ARG A 50 -5.60 7.78 16.82
C ARG A 50 -6.94 8.15 16.20
N GLN A 51 -7.25 7.55 15.04
CA GLN A 51 -8.47 7.90 14.32
C GLN A 51 -9.71 7.55 15.13
N VAL A 52 -9.71 6.38 15.79
CA VAL A 52 -10.88 5.95 16.55
C VAL A 52 -11.09 6.85 17.76
N PHE A 53 -10.00 7.15 18.49
CA PHE A 53 -10.11 7.91 19.73
C PHE A 53 -10.50 9.35 19.49
N ALA A 54 -9.98 9.96 18.43
CA ALA A 54 -10.38 11.32 18.10
C ALA A 54 -11.76 11.37 17.46
N GLU A 55 -12.41 10.23 17.27
CA GLU A 55 -13.70 10.15 16.58
C GLU A 55 -13.65 10.87 15.23
N SER A 56 -12.54 10.70 14.52
CA SER A 56 -12.39 11.28 13.20
C SER A 56 -13.47 10.72 12.27
N LYS A 57 -13.85 11.53 11.29
CA LYS A 57 -14.83 11.08 10.31
C LYS A 57 -14.19 10.44 9.07
N ASP A 58 -12.86 10.46 8.94
CA ASP A 58 -12.22 9.88 7.77
C ASP A 58 -12.54 8.38 7.65
N GLU A 59 -12.64 7.90 6.42
CA GLU A 59 -12.85 6.47 6.13
C GLU A 59 -11.55 5.81 5.70
N ILE A 60 -11.32 4.58 6.20
CA ILE A 60 -10.03 3.88 6.05
C ILE A 60 -10.27 2.47 5.55
N ALA A 61 -9.69 2.12 4.41
CA ALA A 61 -9.64 0.74 3.91
C ALA A 61 -8.25 0.13 4.11
N VAL A 62 -8.18 -1.20 4.01
CA VAL A 62 -6.93 -1.94 4.18
C VAL A 62 -6.84 -3.04 3.13
N VAL A 63 -5.78 -3.00 2.31
CA VAL A 63 -5.50 -4.01 1.28
C VAL A 63 -4.16 -4.66 1.60
N LEU A 64 -4.12 -6.00 1.61
CA LEU A 64 -2.91 -6.78 1.87
C LEU A 64 -2.45 -7.49 0.60
N TYR A 65 -1.14 -7.45 0.33
CA TYR A 65 -0.60 -8.22 -0.79
C TYR A 65 0.58 -9.08 -0.34
N GLY A 66 0.64 -10.29 -0.91
CA GLY A 66 1.46 -11.37 -0.38
C GLY A 66 0.73 -12.41 0.45
N THR A 67 -0.60 -12.50 0.36
CA THR A 67 -1.38 -13.44 1.17
C THR A 67 -1.50 -14.79 0.47
N ASP A 68 -1.64 -15.85 1.27
CA ASP A 68 -1.70 -17.20 0.70
C ASP A 68 -2.99 -17.42 -0.08
N THR A 69 -4.08 -16.82 0.36
CA THR A 69 -5.34 -16.88 -0.36
C THR A 69 -5.53 -15.61 -1.21
N THR A 70 -6.50 -15.67 -2.11
CA THR A 70 -6.84 -14.57 -2.99
C THR A 70 -8.29 -14.15 -2.76
N ASP A 71 -8.53 -12.83 -2.62
CA ASP A 71 -9.90 -12.31 -2.39
C ASP A 71 -9.97 -10.82 -2.80
N ASN A 72 -10.31 -10.59 -4.06
CA ASN A 72 -10.48 -9.23 -4.57
C ASN A 72 -11.24 -9.29 -5.87
N ALA A 73 -11.81 -8.15 -6.24
CA ALA A 73 -12.77 -8.08 -7.34
C ALA A 73 -12.14 -8.34 -8.70
N LEU A 74 -10.82 -8.20 -8.82
CA LEU A 74 -10.15 -8.32 -10.11
C LEU A 74 -9.53 -9.70 -10.34
N ALA A 75 -9.52 -10.58 -9.33
CA ALA A 75 -8.84 -11.87 -9.43
C ALA A 75 -9.54 -12.78 -10.45
N ARG A 76 -8.84 -13.13 -11.53
CA ARG A 76 -9.39 -14.01 -12.57
C ARG A 76 -8.26 -14.72 -13.28
N GLU A 77 -8.20 -16.05 -13.16
CA GLU A 77 -7.29 -16.88 -13.94
C GLU A 77 -5.88 -16.31 -14.05
N ASP A 78 -5.10 -16.40 -12.98
CA ASP A 78 -3.69 -16.00 -13.02
C ASP A 78 -3.51 -14.48 -13.04
N GLN A 79 -4.49 -13.73 -12.52
CA GLN A 79 -4.41 -12.28 -12.48
C GLN A 79 -4.76 -11.76 -11.09
N TYR A 80 -4.04 -10.72 -10.66
CA TYR A 80 -4.27 -10.09 -9.34
C TYR A 80 -4.31 -11.14 -8.22
N GLU A 81 -3.43 -12.15 -8.33
CA GLU A 81 -3.36 -13.23 -7.36
C GLU A 81 -2.71 -12.80 -6.03
N ASN A 82 -3.10 -13.50 -4.96
CA ASN A 82 -2.44 -13.37 -3.65
C ASN A 82 -2.54 -11.94 -3.10
N ILE A 83 -3.68 -11.31 -3.35
CA ILE A 83 -4.05 -9.99 -2.88
C ILE A 83 -5.44 -10.09 -2.25
N SER A 84 -5.59 -9.57 -1.04
CA SER A 84 -6.82 -9.70 -0.27
C SER A 84 -7.27 -8.34 0.26
N VAL A 85 -8.54 -8.02 0.06
CA VAL A 85 -9.15 -6.83 0.65
C VAL A 85 -9.61 -7.18 2.06
N HIS A 86 -8.86 -6.72 3.06
CA HIS A 86 -9.18 -7.04 4.45
C HIS A 86 -10.24 -6.12 5.04
N ARG A 87 -10.27 -4.85 4.65
N ARG A 87 -10.29 -4.86 4.68
CA ARG A 87 -11.24 -3.89 5.17
CA ARG A 87 -11.26 -3.91 5.18
C ARG A 87 -11.62 -2.94 4.05
C ARG A 87 -11.64 -2.95 4.06
N HIS A 88 -12.93 -2.83 3.78
CA HIS A 88 -13.41 -1.91 2.76
C HIS A 88 -13.49 -0.49 3.34
N LEU A 89 -13.85 0.48 2.51
CA LEU A 89 -13.84 1.88 2.94
C LEU A 89 -15.00 2.13 3.92
N MET A 90 -14.65 2.35 5.19
CA MET A 90 -15.62 2.54 6.26
C MET A 90 -14.95 3.34 7.37
N LEU A 91 -15.74 3.72 8.36
CA LEU A 91 -15.14 4.22 9.59
C LEU A 91 -14.38 3.09 10.30
N PRO A 92 -13.22 3.37 10.88
CA PRO A 92 -12.53 2.35 11.67
C PRO A 92 -13.28 2.08 12.98
N ASP A 93 -13.14 0.86 13.50
CA ASP A 93 -13.83 0.43 14.71
C ASP A 93 -12.93 -0.49 15.53
N PHE A 94 -13.46 -1.03 16.64
CA PHE A 94 -12.66 -1.90 17.50
C PHE A 94 -12.51 -3.32 16.94
N ASP A 95 -13.48 -3.79 16.15
CA ASP A 95 -13.35 -5.11 15.54
C ASP A 95 -12.17 -5.15 14.58
N LEU A 96 -11.98 -4.06 13.82
CA LEU A 96 -10.83 -3.96 12.93
C LEU A 96 -9.53 -4.00 13.71
N LEU A 97 -9.50 -3.34 14.88
CA LEU A 97 -8.29 -3.39 15.70
C LEU A 97 -7.99 -4.83 16.13
N GLU A 98 -9.01 -5.55 16.59
CA GLU A 98 -8.82 -6.94 16.99
C GLU A 98 -8.32 -7.78 15.81
N GLN A 99 -8.97 -7.65 14.64
CA GLN A 99 -8.58 -8.45 13.48
C GLN A 99 -7.13 -8.23 13.10
N ILE A 100 -6.74 -6.97 12.92
CA ILE A 100 -5.37 -6.67 12.50
C ILE A 100 -4.39 -7.34 13.45
N GLU A 101 -4.66 -7.29 14.75
CA GLU A 101 -3.66 -7.73 15.72
C GLU A 101 -3.59 -9.25 15.81
N ASN A 102 -4.72 -9.94 15.66
CA ASN A 102 -4.77 -11.39 15.87
C ASN A 102 -4.81 -12.19 14.58
N VAL A 103 -5.60 -11.76 13.60
CA VAL A 103 -5.76 -12.53 12.37
C VAL A 103 -4.56 -12.33 11.43
N VAL A 104 -4.25 -11.07 11.12
CA VAL A 104 -3.34 -10.75 10.03
C VAL A 104 -1.95 -11.29 10.33
N GLU A 105 -1.48 -12.20 9.49
CA GLU A 105 -0.20 -12.88 9.67
C GLU A 105 0.60 -12.84 8.38
N PRO A 106 1.88 -13.18 8.45
CA PRO A 106 2.71 -13.16 7.24
C PRO A 106 2.25 -14.23 6.26
N GLY A 107 2.30 -13.87 4.99
CA GLY A 107 2.04 -14.83 3.95
C GLY A 107 3.24 -15.72 3.68
N SER A 108 2.99 -16.80 2.95
CA SER A 108 4.06 -17.72 2.54
C SER A 108 4.40 -17.56 1.06
N VAL A 109 3.91 -16.51 0.42
CA VAL A 109 4.17 -16.23 -1.00
C VAL A 109 4.58 -14.76 -1.15
N GLN A 110 4.69 -14.29 -2.40
CA GLN A 110 4.90 -12.87 -2.70
C GLN A 110 3.92 -12.46 -3.81
N ALA A 111 3.67 -11.14 -3.92
CA ALA A 111 2.73 -10.59 -4.90
C ALA A 111 3.27 -9.30 -5.52
N ASP A 112 2.53 -8.80 -6.52
CA ASP A 112 2.94 -7.68 -7.38
C ASP A 112 2.36 -6.37 -6.84
N PHE A 113 3.23 -5.40 -6.48
CA PHE A 113 2.71 -4.20 -5.80
C PHE A 113 1.92 -3.28 -6.74
N LEU A 114 2.17 -3.32 -8.06
CA LEU A 114 1.34 -2.51 -8.96
C LEU A 114 -0.05 -3.11 -9.12
N ASP A 115 -0.16 -4.47 -9.11
CA ASP A 115 -1.46 -5.12 -8.96
C ASP A 115 -2.20 -4.60 -7.73
N ALA A 116 -1.48 -4.48 -6.60
CA ALA A 116 -2.09 -4.06 -5.35
C ALA A 116 -2.51 -2.61 -5.42
N LEU A 117 -1.70 -1.78 -6.07
CA LEU A 117 -2.05 -0.37 -6.22
C LEU A 117 -3.32 -0.20 -7.06
N ILE A 118 -3.45 -1.01 -8.11
CA ILE A 118 -4.65 -0.98 -8.94
C ILE A 118 -5.87 -1.46 -8.15
N VAL A 119 -5.73 -2.54 -7.37
CA VAL A 119 -6.85 -2.97 -6.53
C VAL A 119 -7.26 -1.84 -5.59
N SER A 120 -6.29 -1.10 -5.04
CA SER A 120 -6.59 0.01 -4.12
C SER A 120 -7.31 1.16 -4.83
N MET A 121 -6.83 1.54 -6.02
CA MET A 121 -7.48 2.60 -6.81
C MET A 121 -8.91 2.20 -7.21
N ASP A 122 -9.11 0.95 -7.62
CA ASP A 122 -10.45 0.46 -7.98
C ASP A 122 -11.38 0.53 -6.78
N LEU A 123 -10.88 0.21 -5.59
CA LEU A 123 -11.67 0.29 -4.36
C LEU A 123 -12.13 1.72 -4.10
N LEU A 124 -11.21 2.70 -4.19
CA LEU A 124 -11.56 4.11 -3.98
C LEU A 124 -12.52 4.61 -5.05
N GLN A 125 -12.28 4.26 -6.32
CA GLN A 125 -13.16 4.70 -7.40
C GLN A 125 -14.60 4.25 -7.14
N LYS A 126 -14.80 2.98 -6.80
CA LYS A 126 -16.15 2.47 -6.58
C LYS A 126 -16.77 3.04 -5.31
N GLU A 127 -16.03 3.00 -4.21
CA GLU A 127 -16.64 3.25 -2.90
C GLU A 127 -16.68 4.73 -2.51
N THR A 128 -16.13 5.65 -3.31
CA THR A 128 -16.37 7.09 -3.09
C THR A 128 -17.43 7.68 -4.01
N LEU A 129 -18.05 6.89 -4.89
CA LEU A 129 -19.03 7.43 -5.83
C LEU A 129 -20.11 8.23 -5.11
N GLY A 130 -20.35 9.44 -5.60
CA GLY A 130 -21.46 10.26 -5.15
C GLY A 130 -21.26 10.96 -3.83
N LYS A 131 -20.04 11.00 -3.30
CA LYS A 131 -19.77 11.65 -2.02
C LYS A 131 -18.63 12.63 -2.19
N LYS A 132 -18.50 13.51 -1.21
CA LYS A 132 -17.52 14.59 -1.21
C LYS A 132 -16.45 14.29 -0.18
N TYR A 133 -15.20 14.28 -0.62
CA TYR A 133 -14.06 14.11 0.26
C TYR A 133 -13.13 15.29 0.09
N THR A 134 -12.45 15.65 1.17
CA THR A 134 -11.43 16.69 1.07
C THR A 134 -10.24 16.19 0.26
N ARG A 135 -9.82 14.95 0.49
CA ARG A 135 -8.74 14.35 -0.25
C ARG A 135 -8.95 12.84 -0.35
N LEU A 136 -8.35 12.25 -1.38
CA LEU A 136 -8.26 10.80 -1.53
C LEU A 136 -6.78 10.44 -1.41
N HIS A 137 -6.46 9.42 -0.63
CA HIS A 137 -5.07 9.13 -0.29
C HIS A 137 -4.79 7.63 -0.24
N ILE A 138 -3.65 7.20 -0.82
CA ILE A 138 -3.14 5.84 -0.72
C ILE A 138 -1.76 5.87 -0.08
N ALA A 139 -1.57 5.08 0.97
CA ALA A 139 -0.29 4.94 1.67
C ALA A 139 0.20 3.50 1.51
N VAL A 140 1.38 3.34 0.92
CA VAL A 140 1.97 2.02 0.66
C VAL A 140 3.08 1.75 1.67
N PHE A 141 3.08 0.55 2.26
CA PHE A 141 4.12 0.10 3.18
C PHE A 141 4.77 -1.17 2.63
N SER A 142 6.07 -1.12 2.32
CA SER A 142 6.74 -2.26 1.70
C SER A 142 8.24 -2.15 1.85
N ASP A 143 8.92 -3.28 1.66
CA ASP A 143 10.37 -3.32 1.53
C ASP A 143 10.83 -3.43 0.07
N LEU A 144 9.89 -3.55 -0.88
CA LEU A 144 10.17 -3.60 -2.33
C LEU A 144 11.06 -4.78 -2.76
N SER A 145 11.02 -5.92 -2.04
CA SER A 145 11.85 -7.06 -2.42
CA SER A 145 11.83 -7.10 -2.38
C SER A 145 11.20 -7.97 -3.47
N SER A 146 9.88 -7.81 -3.73
CA SER A 146 9.13 -8.70 -4.61
C SER A 146 9.14 -8.20 -6.05
N PRO A 147 9.25 -9.08 -7.05
CA PRO A 147 9.20 -8.61 -8.44
C PRO A 147 7.81 -8.11 -8.81
N PHE A 148 7.77 -7.34 -9.90
CA PHE A 148 6.53 -6.74 -10.39
C PHE A 148 6.66 -6.54 -11.90
N SER A 149 5.51 -6.37 -12.55
CA SER A 149 5.47 -6.05 -13.97
C SER A 149 5.04 -4.60 -14.15
N VAL A 150 5.66 -3.92 -15.13
CA VAL A 150 5.38 -2.51 -15.37
C VAL A 150 4.27 -2.32 -16.40
N ASP A 151 3.65 -3.41 -16.84
CA ASP A 151 2.69 -3.30 -17.93
C ASP A 151 1.54 -2.39 -17.51
N GLN A 152 1.21 -1.39 -18.36
CA GLN A 152 0.12 -0.45 -18.13
C GLN A 152 0.40 0.63 -17.06
N LEU A 153 1.66 0.83 -16.65
CA LEU A 153 1.93 1.82 -15.60
C LEU A 153 1.53 3.23 -16.04
N GLU A 154 1.61 3.54 -17.35
CA GLU A 154 1.22 4.88 -17.80
C GLU A 154 -0.28 5.12 -17.59
N VAL A 155 -1.08 4.06 -17.62
CA VAL A 155 -2.51 4.18 -17.32
C VAL A 155 -2.75 4.41 -15.84
N ILE A 156 -1.98 3.73 -14.99
CA ILE A 156 -2.06 3.98 -13.54
C ILE A 156 -1.82 5.47 -13.24
N ILE A 157 -0.72 6.02 -13.75
CA ILE A 157 -0.37 7.42 -13.45
C ILE A 157 -1.44 8.38 -13.98
N ALA A 158 -1.96 8.14 -15.18
CA ALA A 158 -2.96 9.06 -15.73
C ALA A 158 -4.19 9.12 -14.84
N ASN A 159 -4.58 7.99 -14.25
CA ASN A 159 -5.78 7.94 -13.40
C ASN A 159 -5.50 8.45 -11.99
N LEU A 160 -4.29 8.24 -11.45
CA LEU A 160 -3.90 8.97 -10.24
C LEU A 160 -4.07 10.48 -10.41
N LYS A 161 -3.71 11.02 -11.59
CA LYS A 161 -3.78 12.46 -11.79
C LYS A 161 -5.23 12.94 -11.91
N LYS A 162 -6.01 12.28 -12.76
CA LYS A 162 -7.39 12.65 -12.97
C LYS A 162 -8.17 12.62 -11.66
N ALA A 163 -7.95 11.59 -10.86
CA ALA A 163 -8.67 11.42 -9.59
C ALA A 163 -8.08 12.27 -8.47
N GLU A 164 -6.96 12.94 -8.70
CA GLU A 164 -6.36 13.83 -7.70
C GLU A 164 -5.97 13.07 -6.42
N ILE A 165 -5.52 11.82 -6.60
CA ILE A 165 -5.05 11.02 -5.46
C ILE A 165 -3.69 11.51 -5.01
N THR A 166 -3.55 11.69 -3.70
CA THR A 166 -2.25 11.91 -3.09
C THR A 166 -1.67 10.56 -2.70
N LEU A 167 -0.41 10.32 -3.05
CA LEU A 167 0.24 9.04 -2.84
C LEU A 167 1.44 9.23 -1.91
N GLN A 168 1.64 8.29 -0.98
CA GLN A 168 2.79 8.28 -0.06
C GLN A 168 3.38 6.88 0.02
N PHE A 169 4.72 6.78 -0.04
CA PHE A 169 5.42 5.51 0.10
C PHE A 169 6.22 5.51 1.39
N PHE A 170 6.11 4.42 2.16
CA PHE A 170 6.84 4.22 3.40
C PHE A 170 7.68 2.94 3.33
N LEU A 171 8.98 3.08 3.61
CA LEU A 171 9.93 2.00 3.47
C LEU A 171 10.70 1.82 4.77
N PRO A 172 11.18 0.59 5.07
CA PRO A 172 11.86 0.36 6.35
C PRO A 172 13.36 0.70 6.30
N PHE A 173 13.72 1.68 5.48
CA PHE A 173 15.09 2.16 5.35
C PHE A 173 15.04 3.50 4.64
N SER A 174 16.08 4.32 4.83
CA SER A 174 16.15 5.59 4.16
C SER A 174 16.73 5.43 2.75
N VAL A 175 16.36 6.32 1.85
CA VAL A 175 16.87 6.27 0.49
C VAL A 175 17.49 7.60 0.05
N PRO A 181 27.28 4.58 4.99
CA PRO A 181 27.24 3.12 4.81
C PRO A 181 25.96 2.62 4.15
N GLY A 182 26.11 1.89 3.05
CA GLY A 182 24.96 1.37 2.33
C GLY A 182 24.29 0.22 3.06
N LYS A 183 23.07 -0.09 2.62
CA LYS A 183 22.17 -0.97 3.36
C LYS A 183 22.03 -2.37 2.75
N GLY A 184 22.88 -2.74 1.79
CA GLY A 184 22.71 -4.05 1.17
C GLY A 184 21.38 -4.25 0.47
N LEU A 185 20.88 -3.21 -0.19
CA LEU A 185 19.65 -3.37 -0.97
C LEU A 185 19.93 -4.23 -2.19
N SER A 186 19.03 -5.17 -2.46
CA SER A 186 19.09 -6.02 -3.64
C SER A 186 18.76 -5.21 -4.90
N ASP A 187 19.15 -5.76 -6.07
CA ASP A 187 18.81 -5.11 -7.34
C ASP A 187 17.30 -4.93 -7.49
N GLN A 188 16.50 -5.92 -7.07
CA GLN A 188 15.04 -5.79 -7.13
C GLN A 188 14.56 -4.62 -6.26
N GLN A 189 15.09 -4.48 -5.05
CA GLN A 189 14.74 -3.31 -4.23
C GLN A 189 15.18 -2.00 -4.91
N LYS A 190 16.37 -1.97 -5.51
CA LYS A 190 16.81 -0.74 -6.16
C LYS A 190 15.89 -0.39 -7.34
N GLU A 191 15.43 -1.40 -8.07
CA GLU A 191 14.51 -1.15 -9.17
C GLU A 191 13.18 -0.64 -8.64
N GLY A 192 12.74 -1.15 -7.51
CA GLY A 192 11.47 -0.68 -6.94
C GLY A 192 11.54 0.78 -6.52
N ILE A 193 12.69 1.19 -5.95
CA ILE A 193 12.89 2.56 -5.48
C ILE A 193 12.90 3.52 -6.66
N GLU A 194 13.56 3.15 -7.74
CA GLU A 194 13.60 4.04 -8.90
C GLU A 194 12.22 4.20 -9.51
N MET A 195 11.43 3.12 -9.48
CA MET A 195 10.07 3.19 -10.00
C MET A 195 9.19 4.08 -9.13
N VAL A 196 9.36 4.03 -7.81
CA VAL A 196 8.67 4.97 -6.92
C VAL A 196 9.06 6.41 -7.24
N ARG A 197 10.35 6.67 -7.49
CA ARG A 197 10.76 8.04 -7.84
C ARG A 197 10.10 8.52 -9.13
N LYS A 198 10.01 7.65 -10.14
CA LYS A 198 9.41 8.06 -11.41
C LYS A 198 7.92 8.37 -11.21
N ILE A 199 7.24 7.55 -10.41
CA ILE A 199 5.81 7.77 -10.16
C ILE A 199 5.61 9.13 -9.47
N MET A 200 6.37 9.38 -8.40
CA MET A 200 6.16 10.61 -7.64
C MET A 200 6.56 11.85 -8.44
N PHE A 201 7.60 11.76 -9.27
CA PHE A 201 7.95 12.93 -10.06
C PHE A 201 6.87 13.23 -11.10
N SER A 202 6.26 12.19 -11.68
CA SER A 202 5.17 12.42 -12.64
C SER A 202 4.02 13.17 -12.00
N LEU A 203 3.74 12.90 -10.73
CA LEU A 203 2.55 13.49 -10.10
C LEU A 203 2.84 14.91 -9.60
N ASP A 204 3.99 15.12 -8.97
CA ASP A 204 4.23 16.35 -8.22
C ASP A 204 5.57 17.03 -8.55
N GLY A 205 6.32 16.54 -9.55
CA GLY A 205 7.55 17.22 -9.93
C GLY A 205 8.71 17.00 -8.95
N GLU A 206 9.59 18.02 -8.88
CA GLU A 206 10.74 17.97 -7.98
C GLU A 206 10.31 17.80 -6.53
N GLU A 207 9.28 18.55 -6.11
CA GLU A 207 8.76 18.41 -4.75
C GLU A 207 8.17 17.03 -4.51
N GLY A 208 7.81 16.31 -5.57
CA GLY A 208 7.17 15.01 -5.40
C GLY A 208 8.05 13.99 -4.72
N LEU A 209 9.36 14.00 -5.02
CA LEU A 209 10.29 13.09 -4.39
C LEU A 209 10.34 13.24 -2.87
N SER A 210 9.78 14.33 -2.33
CA SER A 210 9.73 14.52 -0.88
C SER A 210 8.74 13.58 -0.21
N GLU A 211 7.78 13.04 -0.95
CA GLU A 211 6.73 12.24 -0.37
C GLU A 211 7.13 10.76 -0.27
N VAL A 212 8.42 10.51 -0.08
CA VAL A 212 8.95 9.16 0.16
C VAL A 212 9.61 9.17 1.52
N PHE A 213 9.15 8.29 2.41
CA PHE A 213 9.49 8.39 3.83
C PHE A 213 9.89 7.03 4.41
N THR A 214 10.35 7.08 5.65
CA THR A 214 10.74 5.90 6.39
C THR A 214 9.62 5.46 7.33
N PHE A 215 9.66 4.17 7.71
CA PHE A 215 8.75 3.71 8.75
C PHE A 215 8.88 4.58 9.98
N ARG A 216 10.12 4.97 10.31
CA ARG A 216 10.36 5.79 11.51
C ARG A 216 9.55 7.09 11.49
N ASP A 217 9.39 7.71 10.33
CA ASP A 217 8.68 8.98 10.24
C ASP A 217 7.25 8.81 9.78
N SER A 218 6.76 7.58 9.66
CA SER A 218 5.53 7.32 8.92
C SER A 218 4.30 7.82 9.66
N LEU A 219 4.22 7.57 10.98
CA LEU A 219 3.01 7.93 11.73
C LEU A 219 2.73 9.42 11.63
N GLU A 220 3.76 10.26 11.76
CA GLU A 220 3.53 11.70 11.76
C GLU A 220 3.19 12.22 10.37
N ARG A 221 3.79 11.65 9.33
CA ARG A 221 3.51 12.14 7.97
C ARG A 221 2.11 11.74 7.53
N LEU A 222 1.67 10.52 7.86
CA LEU A 222 0.30 10.12 7.57
C LEU A 222 -0.70 11.13 8.12
N SER A 223 -0.43 11.69 9.30
CA SER A 223 -1.46 12.41 10.04
C SER A 223 -1.66 13.83 9.52
N ILE A 224 -0.60 14.51 9.09
CA ILE A 224 -0.80 15.86 8.63
C ILE A 224 -1.75 15.82 7.44
N THR B 1 11.70 -7.57 -11.84
CA THR B 1 10.86 -6.68 -12.61
C THR B 1 10.66 -7.32 -13.98
N THR B 2 9.42 -7.29 -14.46
CA THR B 2 9.07 -8.00 -15.69
C THR B 2 8.12 -7.13 -16.50
N ALA B 3 7.52 -7.80 -17.51
CA ALA B 3 6.53 -7.17 -18.37
C ALA B 3 5.36 -8.12 -18.64
N GLN B 4 5.15 -9.12 -17.78
CA GLN B 4 3.98 -9.98 -17.89
C GLN B 4 2.73 -9.12 -18.05
N GLN B 5 1.90 -9.45 -19.04
CA GLN B 5 0.76 -8.60 -19.37
C GLN B 5 -0.28 -8.62 -18.24
N ARG B 6 -0.97 -7.49 -18.10
CA ARG B 6 -2.07 -7.37 -17.17
C ARG B 6 -3.22 -6.63 -17.86
N LYS B 7 -4.42 -6.89 -17.39
CA LYS B 7 -5.65 -6.24 -17.86
C LYS B 7 -6.12 -5.29 -16.76
N CYS B 8 -6.14 -3.99 -17.07
CA CYS B 8 -6.71 -3.03 -16.12
C CYS B 8 -8.23 -3.06 -16.22
N PRO B 9 -8.94 -2.74 -15.13
CA PRO B 9 -10.40 -2.69 -15.22
C PRO B 9 -10.87 -1.60 -16.18
N GLU B 10 -12.07 -1.81 -16.73
CA GLU B 10 -12.54 -1.00 -17.85
C GLU B 10 -12.59 0.49 -17.52
N TRP B 11 -12.93 0.85 -16.26
CA TRP B 11 -13.08 2.28 -15.90
C TRP B 11 -11.78 3.08 -16.04
N MET B 12 -10.61 2.43 -16.04
CA MET B 12 -9.36 3.16 -16.19
C MET B 12 -9.02 3.47 -17.65
N ASN B 13 -9.80 2.97 -18.61
CA ASN B 13 -9.55 3.26 -20.02
C ASN B 13 -9.44 4.76 -20.25
#